data_7P47
#
_entry.id   7P47
#
_cell.length_a   71.144
_cell.length_b   103.240
_cell.length_c   115.616
_cell.angle_alpha   90.000
_cell.angle_beta   90.000
_cell.angle_gamma   90.000
#
_symmetry.space_group_name_H-M   'P 21 21 21'
#
loop_
_entity.id
_entity.type
_entity.pdbx_description
1 polymer 'Structural maintenance of chromosomes protein 5'
2 polymer 'SUMO-conjugating enzyme UBC9'
3 polymer 'E3 SUMO-protein ligase MMS21'
4 polymer 'Ubiquitin-like protein SMT3'
5 non-polymer 'ZINC ION'
#
loop_
_entity_poly.entity_id
_entity_poly.type
_entity_poly.pdbx_seq_one_letter_code
_entity_poly.pdbx_strand_id
1 'polypeptide(L)'
;MGTDEFLKAKEKINEIFEKLNTIRDEVIKKKNQNEYYRGRTGTRKDVSQKIKDIDDQIQQLLLKQRHLLSKMASSMKSLK
NCQK
;
B
2 'polypeptide(L)'
;MSSLCLQRLQEERKKWRKDHPFGFYAKPVKKADGSMDLQKWEAGIPGKEGTNWAGGVYPITVEYPNEYPSKPPKVKFPAG
FYHPNVYPSGTICLSILNEDQDWRPAITLKQIVLGVQDLLDSPNPNSPKQEPAWRSFSRNKAEYDKKVLLQARQYSKGYH
HHHHH
;
C
3 'polypeptide(L)'
;MGSSHHHHHHSSGLVPRGSHMLEARDLSNIYQQCYKQIDETINQLVDSTSPSTIGIEEQVADITSTYKLLSTYESESNSG
TATMVNNTDTLKILKVLPYIWNDPTCVIPDLQNPADEDDLQIEGGKIELTCPITCKPYEAPLISRKCNHVFDRDGIQNYL
QGYTTRDCPQAACSQVVSMRDFVRDPIMELRCKIAKMKESQEQDKRSSQAIDVL
;
A
4 'polypeptide(L)'
;MGSSHHHHHHSSGLVPRGSHMASMSDSEVNQEAKPEVKPEVKPETHINLKVSDGSSEIFFKIKKTTPLRRLMEAFAKRQG
KEMDSLRFLYDGIRIQADQTPEDLDMEDNDIIEAHREQIGG
;
E,D
#
# COMPACT_ATOMS: atom_id res chain seq x y z
N ASP A 4 46.09 28.26 -13.28
CA ASP A 4 46.11 28.65 -11.85
C ASP A 4 44.71 28.91 -11.29
N GLU A 5 43.98 29.84 -11.90
CA GLU A 5 42.62 30.19 -11.45
C GLU A 5 41.74 28.94 -11.28
N PHE A 6 41.83 28.03 -12.25
CA PHE A 6 41.20 26.72 -12.22
C PHE A 6 41.47 25.98 -10.90
N LEU A 7 42.69 26.12 -10.39
CA LEU A 7 43.16 25.34 -9.24
C LEU A 7 42.63 25.87 -7.91
N LYS A 8 42.81 27.18 -7.68
CA LYS A 8 42.28 27.84 -6.48
C LYS A 8 40.76 27.70 -6.41
N ALA A 9 40.14 27.54 -7.57
CA ALA A 9 38.73 27.19 -7.66
C ALA A 9 38.50 25.77 -7.15
N LYS A 10 39.30 24.83 -7.64
CA LYS A 10 39.22 23.42 -7.24
C LYS A 10 39.38 23.26 -5.72
N GLU A 11 40.48 23.78 -5.18
CA GLU A 11 40.70 23.72 -3.74
C GLU A 11 39.59 24.45 -3.00
N LYS A 12 38.99 25.44 -3.64
CA LYS A 12 37.87 26.12 -3.04
C LYS A 12 36.70 25.18 -2.87
N ILE A 13 36.35 24.45 -3.93
CA ILE A 13 35.24 23.48 -3.89
C ILE A 13 35.41 22.47 -2.75
N ASN A 14 36.57 21.81 -2.72
CA ASN A 14 36.82 20.81 -1.70
C ASN A 14 36.60 21.36 -0.28
N GLU A 15 37.02 22.60 -0.06
CA GLU A 15 36.71 23.27 1.19
C GLU A 15 35.20 23.29 1.45
N ILE A 16 34.40 23.61 0.43
CA ILE A 16 32.94 23.62 0.54
C ILE A 16 32.40 22.27 0.91
N PHE A 17 32.83 21.24 0.18
CA PHE A 17 32.42 19.88 0.46
C PHE A 17 32.66 19.52 1.93
N GLU A 18 33.89 19.71 2.40
CA GLU A 18 34.20 19.32 3.76
C GLU A 18 33.44 20.20 4.76
N LYS A 19 33.25 21.48 4.44
CA LYS A 19 32.41 22.34 5.28
C LYS A 19 31.03 21.69 5.42
N LEU A 20 30.43 21.36 4.28
CA LEU A 20 29.11 20.73 4.26
C LEU A 20 29.01 19.46 5.10
N ASN A 21 30.05 18.65 5.05
CA ASN A 21 30.05 17.41 5.80
C ASN A 21 30.02 17.64 7.30
N THR A 22 30.95 18.46 7.80
CA THR A 22 30.99 18.72 9.24
C THR A 22 29.66 19.32 9.70
N ILE A 23 28.99 20.07 8.83
CA ILE A 23 27.68 20.61 9.17
C ILE A 23 26.63 19.50 9.29
N ARG A 24 26.69 18.50 8.42
CA ARG A 24 25.82 17.34 8.60
C ARG A 24 26.01 16.75 9.98
N ASP A 25 27.24 16.39 10.31
CA ASP A 25 27.58 15.82 11.60
C ASP A 25 26.99 16.64 12.72
N GLU A 26 27.29 17.92 12.73
CA GLU A 26 26.76 18.82 13.73
C GLU A 26 25.26 18.62 13.87
N VAL A 27 24.55 18.74 12.75
CA VAL A 27 23.10 18.59 12.75
C VAL A 27 22.68 17.25 13.38
N ILE A 28 23.21 16.15 12.85
CA ILE A 28 22.95 14.82 13.41
C ILE A 28 23.12 14.85 14.91
N LYS A 29 24.30 15.30 15.33
CA LYS A 29 24.69 15.39 16.73
C LYS A 29 23.61 16.11 17.57
N LYS A 30 23.05 17.21 17.06
CA LYS A 30 22.09 18.00 17.84
C LYS A 30 20.69 17.46 17.67
N LYS A 31 20.50 16.70 16.59
CA LYS A 31 19.28 15.95 16.35
C LYS A 31 19.26 14.79 17.33
N ASN A 32 20.44 14.28 17.71
CA ASN A 32 20.55 13.37 18.84
C ASN A 32 20.25 14.05 20.16
N GLN A 33 20.95 15.15 20.45
CA GLN A 33 20.72 15.94 21.65
C GLN A 33 19.23 16.23 21.83
N ASN A 34 18.51 16.28 20.73
CA ASN A 34 17.07 16.46 20.76
C ASN A 34 16.25 15.17 20.87
N GLU A 35 16.72 14.07 20.26
CA GLU A 35 16.04 12.79 20.41
C GLU A 35 16.21 12.26 21.85
N TYR A 36 17.18 12.84 22.55
CA TYR A 36 17.33 12.68 23.99
C TYR A 36 16.26 13.54 24.67
N TYR A 37 15.51 14.27 23.86
CA TYR A 37 14.52 15.29 24.25
C TYR A 37 14.93 16.25 25.40
N ARG A 38 16.23 16.60 25.46
CA ARG A 38 16.72 17.61 26.44
C ARG A 38 17.96 18.45 26.09
N VAL A 47 11.39 23.08 31.98
CA VAL A 47 11.82 21.82 31.28
C VAL A 47 11.89 21.96 29.75
N SER A 48 11.10 22.89 29.21
CA SER A 48 10.78 22.90 27.78
C SER A 48 11.72 23.70 26.83
N GLN A 49 12.33 24.77 27.35
CA GLN A 49 13.04 25.76 26.53
C GLN A 49 14.21 25.47 25.56
N LYS A 50 15.22 24.76 26.07
CA LYS A 50 16.38 24.33 25.30
C LYS A 50 16.09 23.43 24.11
N ILE A 51 15.07 22.59 24.24
CA ILE A 51 14.56 21.76 23.16
C ILE A 51 14.33 22.59 21.90
N LYS A 52 13.49 23.61 22.01
CA LYS A 52 13.17 24.50 20.90
C LYS A 52 14.39 25.32 20.47
N ASP A 53 15.09 25.83 21.47
CA ASP A 53 16.34 26.56 21.28
C ASP A 53 17.32 25.78 20.39
N ILE A 54 17.67 24.56 20.82
CA ILE A 54 18.53 23.63 20.04
C ILE A 54 17.95 23.44 18.66
N ASP A 55 16.67 23.08 18.62
CA ASP A 55 15.96 22.85 17.38
C ASP A 55 16.10 24.04 16.44
N ASP A 56 16.08 25.25 17.00
CA ASP A 56 16.17 26.43 16.18
C ASP A 56 17.56 26.66 15.60
N GLN A 57 18.59 26.41 16.39
CA GLN A 57 19.95 26.47 15.88
C GLN A 57 20.04 25.57 14.69
N ILE A 58 19.47 24.36 14.82
CA ILE A 58 19.43 23.41 13.72
C ILE A 58 18.92 24.05 12.45
N GLN A 59 17.82 24.81 12.56
CA GLN A 59 17.23 25.49 11.43
C GLN A 59 18.26 26.40 10.76
N GLN A 60 18.93 27.21 11.59
CA GLN A 60 20.03 28.06 11.16
C GLN A 60 21.10 27.29 10.37
N LEU A 61 21.39 26.07 10.82
CA LEU A 61 22.38 25.22 10.15
C LEU A 61 21.94 24.72 8.79
N LEU A 62 20.64 24.48 8.62
CA LEU A 62 20.16 24.04 7.33
C LEU A 62 20.26 25.17 6.34
N LEU A 63 19.99 26.39 6.81
CA LEU A 63 20.26 27.58 6.01
C LEU A 63 21.69 27.55 5.49
N LYS A 64 22.66 27.49 6.41
CA LYS A 64 24.06 27.39 6.03
C LYS A 64 24.25 26.38 4.91
N GLN A 65 23.64 25.21 5.07
CA GLN A 65 23.76 24.16 4.08
C GLN A 65 23.28 24.59 2.69
N ARG A 66 22.09 25.20 2.64
CA ARG A 66 21.47 25.58 1.37
C ARG A 66 22.27 26.67 0.67
N HIS A 67 22.90 27.48 1.51
CA HIS A 67 23.76 28.56 1.05
C HIS A 67 25.08 28.05 0.55
N LEU A 68 25.64 27.07 1.25
CA LEU A 68 26.90 26.50 0.82
C LEU A 68 26.75 25.87 -0.54
N LEU A 69 25.67 25.11 -0.75
CA LEU A 69 25.38 24.50 -2.04
C LEU A 69 25.33 25.56 -3.09
N SER A 70 24.71 26.67 -2.71
CA SER A 70 24.62 27.86 -3.53
C SER A 70 26.02 28.29 -4.02
N LYS A 71 26.93 28.54 -3.09
CA LYS A 71 28.30 28.91 -3.45
C LYS A 71 28.84 27.86 -4.38
N MET A 72 28.82 26.62 -3.90
CA MET A 72 29.37 25.48 -4.61
C MET A 72 29.00 25.48 -6.07
N ALA A 73 27.70 25.58 -6.34
CA ALA A 73 27.19 25.53 -7.69
C ALA A 73 27.78 26.62 -8.60
N SER A 74 27.48 27.89 -8.30
CA SER A 74 27.94 29.01 -9.15
C SER A 74 29.45 29.00 -9.29
N SER A 75 30.09 28.43 -8.28
CA SER A 75 31.52 28.27 -8.25
C SER A 75 32.04 27.38 -9.38
N MET A 76 31.20 26.48 -9.86
CA MET A 76 31.61 25.54 -10.91
C MET A 76 31.46 26.09 -12.33
N LYS A 77 31.07 27.36 -12.43
CA LYS A 77 31.05 28.07 -13.71
C LYS A 77 32.44 28.25 -14.27
N SER A 78 33.42 28.06 -13.40
CA SER A 78 34.80 28.35 -13.77
C SER A 78 35.67 27.11 -13.71
N LEU A 79 35.27 26.06 -14.41
CA LEU A 79 36.18 24.93 -14.64
C LEU A 79 36.25 24.51 -16.12
N LYS A 80 35.52 25.22 -16.98
CA LYS A 80 35.55 25.02 -18.43
C LYS A 80 35.20 23.58 -18.84
N SER B 3 11.55 -16.54 9.69
CA SER B 3 11.48 -15.32 10.56
C SER B 3 10.89 -14.17 9.77
N LEU B 4 11.28 -14.04 8.51
CA LEU B 4 10.62 -13.07 7.63
C LEU B 4 9.24 -13.47 7.16
N CYS B 5 9.11 -14.75 6.83
CA CYS B 5 7.83 -15.46 6.67
C CYS B 5 6.88 -15.22 7.84
N LEU B 6 7.43 -15.23 9.05
CA LEU B 6 6.65 -15.04 10.26
C LEU B 6 6.27 -13.59 10.51
N GLN B 7 7.22 -12.69 10.28
CA GLN B 7 6.94 -11.27 10.41
C GLN B 7 5.93 -10.86 9.37
N ARG B 8 6.09 -11.38 8.15
CA ARG B 8 5.10 -11.14 7.11
C ARG B 8 3.71 -11.44 7.63
N LEU B 9 3.53 -12.66 8.15
CA LEU B 9 2.19 -13.10 8.59
C LEU B 9 1.66 -12.24 9.72
N GLN B 10 2.53 -11.87 10.65
CA GLN B 10 2.11 -11.04 11.76
C GLN B 10 1.50 -9.70 11.32
N GLU B 11 2.16 -9.03 10.37
CA GLU B 11 1.60 -7.79 9.83
C GLU B 11 0.36 -8.09 9.00
N GLU B 12 0.44 -9.13 8.16
CA GLU B 12 -0.73 -9.58 7.39
C GLU B 12 -1.98 -9.62 8.28
N ARG B 13 -1.87 -10.27 9.44
CA ARG B 13 -2.98 -10.36 10.38
C ARG B 13 -3.54 -8.99 10.75
N LYS B 14 -2.67 -8.06 11.12
CA LYS B 14 -3.20 -6.74 11.54
C LYS B 14 -3.71 -5.90 10.36
N LYS B 15 -3.21 -6.15 9.15
CA LYS B 15 -3.81 -5.49 7.98
C LYS B 15 -5.21 -6.02 7.74
N TRP B 16 -5.38 -7.33 7.87
CA TRP B 16 -6.70 -7.95 7.74
C TRP B 16 -7.71 -7.32 8.67
N ARG B 17 -7.27 -7.13 9.90
CA ARG B 17 -8.09 -6.57 10.94
C ARG B 17 -8.49 -5.15 10.64
N LYS B 18 -7.75 -4.51 9.74
CA LYS B 18 -7.98 -3.10 9.44
C LYS B 18 -8.74 -2.93 8.14
N ASP B 19 -8.53 -3.87 7.22
CA ASP B 19 -9.27 -3.88 5.95
C ASP B 19 -9.52 -5.30 5.49
N HIS B 20 -10.80 -5.67 5.51
CA HIS B 20 -11.22 -6.97 5.01
C HIS B 20 -12.68 -6.93 4.63
N PRO B 21 -13.05 -7.64 3.55
CA PRO B 21 -14.39 -7.58 2.97
C PRO B 21 -15.42 -7.99 3.97
N PHE B 22 -16.57 -7.32 3.92
CA PHE B 22 -17.62 -7.52 4.90
C PHE B 22 -18.23 -8.91 4.79
N GLY B 23 -18.32 -9.59 5.93
CA GLY B 23 -18.81 -10.96 5.96
C GLY B 23 -17.71 -11.99 6.16
N PHE B 24 -16.56 -11.76 5.53
CA PHE B 24 -15.40 -12.66 5.66
C PHE B 24 -14.71 -12.57 7.00
N TYR B 25 -13.96 -13.60 7.32
CA TYR B 25 -13.13 -13.52 8.50
C TYR B 25 -11.92 -14.44 8.33
N ALA B 26 -10.90 -14.17 9.13
CA ALA B 26 -9.64 -14.83 9.02
C ALA B 26 -8.84 -14.56 10.29
N LYS B 27 -8.28 -15.64 10.84
CA LYS B 27 -7.43 -15.58 12.04
C LYS B 27 -6.56 -16.82 12.05
N PRO B 28 -5.40 -16.75 12.73
CA PRO B 28 -4.65 -17.99 12.85
C PRO B 28 -5.22 -18.88 13.97
N VAL B 29 -4.77 -20.14 14.02
CA VAL B 29 -5.24 -21.10 15.03
C VAL B 29 -4.29 -21.21 16.21
N LYS B 30 -4.86 -21.58 17.37
CA LYS B 30 -4.06 -21.94 18.53
C LYS B 30 -3.60 -23.38 18.39
N LYS B 31 -2.34 -23.64 18.72
CA LYS B 31 -1.85 -25.03 18.77
C LYS B 31 -2.06 -25.65 20.16
N ALA B 32 -1.53 -26.84 20.39
CA ALA B 32 -1.78 -27.54 21.65
C ALA B 32 -1.16 -26.82 22.87
N ASP B 33 -0.38 -25.77 22.61
CA ASP B 33 0.29 -25.02 23.66
C ASP B 33 -0.61 -23.95 24.24
N GLY B 34 -1.46 -23.41 23.38
CA GLY B 34 -2.16 -22.17 23.67
C GLY B 34 -1.53 -21.07 22.84
N SER B 35 -0.43 -21.39 22.14
CA SER B 35 0.29 -20.44 21.29
C SER B 35 -0.29 -20.33 19.88
N MET B 36 0.02 -19.22 19.19
CA MET B 36 -0.53 -18.96 17.86
C MET B 36 0.29 -19.64 16.80
N ASP B 37 -0.38 -20.34 15.91
CA ASP B 37 0.26 -20.95 14.76
C ASP B 37 0.02 -20.03 13.58
N LEU B 38 0.97 -19.14 13.31
CA LEU B 38 0.78 -18.14 12.29
C LEU B 38 0.86 -18.75 10.91
N GLN B 39 1.20 -20.03 10.86
CA GLN B 39 1.28 -20.76 9.60
C GLN B 39 0.00 -21.53 9.28
N LYS B 40 -0.93 -21.58 10.21
CA LYS B 40 -2.22 -22.19 9.93
C LYS B 40 -3.34 -21.21 10.29
N TRP B 41 -4.35 -21.11 9.42
CA TRP B 41 -5.39 -20.11 9.59
C TRP B 41 -6.77 -20.68 9.42
N GLU B 42 -7.73 -20.17 10.19
CA GLU B 42 -9.15 -20.42 9.90
C GLU B 42 -9.72 -19.22 9.17
N ALA B 43 -10.52 -19.47 8.16
CA ALA B 43 -11.19 -18.41 7.42
C ALA B 43 -12.60 -18.81 7.04
N GLY B 44 -13.47 -17.83 6.89
CA GLY B 44 -14.84 -18.05 6.46
C GLY B 44 -15.22 -17.19 5.29
N ILE B 45 -15.79 -17.82 4.26
CA ILE B 45 -16.16 -17.13 3.04
C ILE B 45 -17.68 -17.13 2.84
N PRO B 46 -18.28 -15.94 2.95
CA PRO B 46 -19.73 -15.87 2.79
C PRO B 46 -20.12 -15.96 1.31
N GLY B 47 -21.31 -16.46 1.03
CA GLY B 47 -21.78 -16.65 -0.34
C GLY B 47 -22.51 -15.42 -0.85
N LYS B 48 -22.31 -15.12 -2.13
CA LYS B 48 -22.85 -13.90 -2.75
C LYS B 48 -24.37 -13.88 -2.79
N GLU B 49 -24.98 -12.82 -2.25
CA GLU B 49 -26.45 -12.76 -2.14
C GLU B 49 -27.10 -12.93 -3.48
N GLY B 50 -28.18 -13.70 -3.51
CA GLY B 50 -28.91 -13.93 -4.75
C GLY B 50 -28.45 -15.18 -5.48
N THR B 51 -27.43 -15.84 -4.95
CA THR B 51 -27.03 -17.16 -5.43
C THR B 51 -27.40 -18.17 -4.37
N ASN B 52 -27.49 -19.45 -4.77
CA ASN B 52 -27.91 -20.50 -3.85
C ASN B 52 -26.90 -20.67 -2.74
N TRP B 53 -25.73 -20.06 -2.97
CA TRP B 53 -24.59 -20.02 -2.01
C TRP B 53 -24.85 -18.92 -0.98
N ALA B 54 -25.83 -18.05 -1.23
CA ALA B 54 -26.19 -16.98 -0.27
C ALA B 54 -26.59 -17.51 1.11
N GLY B 55 -26.28 -16.74 2.14
CA GLY B 55 -26.54 -17.15 3.52
C GLY B 55 -25.51 -18.13 4.04
N GLY B 56 -24.77 -18.75 3.12
CA GLY B 56 -23.70 -19.68 3.47
C GLY B 56 -22.42 -18.95 3.79
N VAL B 57 -21.74 -19.40 4.85
CA VAL B 57 -20.45 -18.85 5.24
C VAL B 57 -19.46 -20.02 5.41
N TYR B 58 -18.62 -20.25 4.42
CA TYR B 58 -17.93 -21.53 4.30
C TYR B 58 -16.50 -21.52 4.81
N PRO B 59 -16.14 -22.51 5.65
CA PRO B 59 -14.81 -22.57 6.22
C PRO B 59 -13.78 -23.11 5.26
N ILE B 60 -12.61 -22.47 5.26
CA ILE B 60 -11.45 -22.97 4.59
C ILE B 60 -10.32 -22.80 5.58
N THR B 61 -9.27 -23.60 5.45
CA THR B 61 -8.09 -23.34 6.24
C THR B 61 -7.00 -22.94 5.26
N VAL B 62 -6.06 -22.14 5.74
CA VAL B 62 -4.91 -21.79 4.94
C VAL B 62 -3.64 -22.28 5.63
N GLU B 63 -2.90 -23.16 4.95
CA GLU B 63 -1.65 -23.64 5.50
C GLU B 63 -0.50 -23.03 4.72
N TYR B 64 0.23 -22.13 5.39
CA TYR B 64 1.38 -21.39 4.83
C TYR B 64 2.69 -22.16 4.94
N PRO B 65 3.45 -22.31 3.84
CA PRO B 65 4.70 -23.04 3.94
C PRO B 65 5.74 -22.21 4.70
N ASN B 66 6.93 -22.77 4.93
CA ASN B 66 8.00 -22.06 5.63
C ASN B 66 8.65 -20.98 4.79
N GLU B 67 8.46 -21.04 3.47
CA GLU B 67 9.08 -20.08 2.56
C GLU B 67 8.08 -19.11 2.01
N TYR B 68 6.89 -19.07 2.60
CA TYR B 68 5.97 -17.98 2.30
C TYR B 68 6.72 -16.69 2.56
N PRO B 69 6.67 -15.74 1.61
CA PRO B 69 5.83 -15.76 0.43
C PRO B 69 6.46 -16.25 -0.87
N SER B 70 7.61 -16.93 -0.81
CA SER B 70 8.22 -17.46 -2.04
C SER B 70 7.31 -18.49 -2.66
N LYS B 71 6.93 -19.48 -1.88
CA LYS B 71 5.92 -20.44 -2.28
C LYS B 71 4.61 -20.09 -1.57
N PRO B 72 3.49 -20.12 -2.31
CA PRO B 72 2.14 -19.75 -1.84
C PRO B 72 1.54 -20.82 -0.95
N PRO B 73 0.44 -20.49 -0.25
CA PRO B 73 -0.12 -21.39 0.76
C PRO B 73 -1.17 -22.33 0.16
N LYS B 74 -1.38 -23.48 0.79
CA LYS B 74 -2.43 -24.37 0.33
C LYS B 74 -3.76 -24.00 1.03
N VAL B 75 -4.85 -24.02 0.27
CA VAL B 75 -6.17 -23.70 0.82
C VAL B 75 -7.16 -24.86 0.73
N LYS B 76 -7.78 -25.15 1.85
CA LYS B 76 -8.64 -26.31 1.97
C LYS B 76 -10.02 -25.99 2.54
N PHE B 77 -11.03 -26.25 1.72
CA PHE B 77 -12.40 -26.44 2.18
C PHE B 77 -12.48 -27.76 2.93
N PRO B 78 -13.53 -27.92 3.77
CA PRO B 78 -13.80 -29.14 4.53
C PRO B 78 -13.75 -30.45 3.76
N ALA B 79 -13.38 -31.49 4.51
CA ALA B 79 -13.43 -32.88 4.11
C ALA B 79 -13.89 -33.08 2.66
N GLY B 80 -15.20 -33.20 2.44
CA GLY B 80 -15.74 -33.42 1.12
C GLY B 80 -16.68 -32.31 0.70
N PHE B 81 -16.12 -31.15 0.38
CA PHE B 81 -16.95 -30.01 0.00
C PHE B 81 -17.50 -30.20 -1.41
N TYR B 82 -18.75 -29.78 -1.60
CA TYR B 82 -19.45 -30.04 -2.84
C TYR B 82 -19.36 -28.83 -3.76
N HIS B 83 -18.42 -28.88 -4.69
CA HIS B 83 -18.24 -27.85 -5.73
C HIS B 83 -17.38 -28.44 -6.81
N PRO B 84 -17.70 -28.11 -8.08
CA PRO B 84 -16.97 -28.71 -9.20
C PRO B 84 -15.43 -28.57 -9.17
N ASN B 85 -14.90 -27.60 -8.44
CA ASN B 85 -13.46 -27.28 -8.50
C ASN B 85 -12.75 -27.47 -7.19
N VAL B 86 -13.49 -27.84 -6.17
CA VAL B 86 -12.88 -28.31 -4.94
C VAL B 86 -12.51 -29.77 -5.17
N TYR B 87 -11.36 -30.17 -4.65
CA TYR B 87 -10.96 -31.58 -4.66
C TYR B 87 -11.81 -32.39 -3.66
N PRO B 88 -11.77 -33.73 -3.74
CA PRO B 88 -12.52 -34.51 -2.75
C PRO B 88 -11.83 -34.38 -1.41
N SER B 89 -10.58 -33.94 -1.43
CA SER B 89 -9.78 -33.70 -0.23
C SER B 89 -10.04 -32.31 0.32
N GLY B 90 -10.90 -31.56 -0.36
CA GLY B 90 -11.30 -30.24 0.06
C GLY B 90 -10.38 -29.16 -0.46
N THR B 91 -9.34 -29.55 -1.16
CA THR B 91 -8.36 -28.59 -1.64
C THR B 91 -8.96 -27.81 -2.79
N ILE B 92 -8.57 -26.55 -2.92
CA ILE B 92 -8.88 -25.78 -4.13
C ILE B 92 -7.61 -25.25 -4.71
N CYS B 93 -7.55 -25.15 -6.03
CA CYS B 93 -6.39 -24.54 -6.64
C CYS B 93 -6.81 -23.41 -7.56
N LEU B 94 -6.67 -22.19 -7.06
CA LEU B 94 -6.87 -20.97 -7.83
C LEU B 94 -5.59 -20.64 -8.61
N SER B 95 -5.71 -19.93 -9.74
CA SER B 95 -4.55 -19.64 -10.58
C SER B 95 -3.51 -18.77 -9.86
N ILE B 96 -4.01 -17.80 -9.10
CA ILE B 96 -3.18 -16.92 -8.29
C ILE B 96 -2.62 -17.66 -7.09
N LEU B 97 -3.18 -18.83 -6.84
CA LEU B 97 -2.74 -19.60 -5.72
C LEU B 97 -1.74 -20.63 -6.20
N ASN B 98 -1.16 -20.42 -7.37
CA ASN B 98 -0.36 -21.45 -7.98
C ASN B 98 1.06 -21.00 -8.19
N GLU B 99 2.00 -21.72 -7.55
CA GLU B 99 3.42 -21.45 -7.69
C GLU B 99 3.75 -21.44 -9.17
N ASP B 100 3.35 -22.52 -9.84
CA ASP B 100 3.67 -22.75 -11.24
C ASP B 100 2.91 -21.83 -12.21
N GLN B 101 1.87 -21.15 -11.72
CA GLN B 101 1.08 -20.28 -12.59
C GLN B 101 1.27 -18.78 -12.32
N ASP B 102 0.46 -18.24 -11.41
CA ASP B 102 0.40 -16.79 -11.23
C ASP B 102 0.67 -16.28 -9.83
N TRP B 103 1.02 -17.17 -8.91
CA TRP B 103 1.30 -16.71 -7.55
C TRP B 103 2.45 -15.74 -7.55
N ARG B 104 2.29 -14.67 -6.76
CA ARG B 104 3.35 -13.73 -6.52
C ARG B 104 3.26 -13.36 -5.05
N PRO B 105 4.34 -12.82 -4.47
CA PRO B 105 4.32 -12.43 -3.07
C PRO B 105 3.51 -11.18 -2.79
N ALA B 106 2.93 -10.56 -3.79
CA ALA B 106 2.15 -9.36 -3.53
C ALA B 106 0.65 -9.65 -3.42
N ILE B 107 0.28 -10.91 -3.55
CA ILE B 107 -1.12 -11.31 -3.57
C ILE B 107 -1.71 -11.21 -2.16
N THR B 108 -2.72 -10.33 -1.98
CA THR B 108 -3.36 -10.13 -0.66
C THR B 108 -4.14 -11.34 -0.24
N LEU B 109 -4.21 -11.58 1.06
CA LEU B 109 -5.19 -12.54 1.52
C LEU B 109 -6.56 -12.11 1.00
N LYS B 110 -6.88 -10.82 1.12
CA LYS B 110 -8.19 -10.36 0.65
C LYS B 110 -8.40 -10.76 -0.83
N GLN B 111 -7.35 -10.66 -1.65
CA GLN B 111 -7.43 -11.11 -3.04
C GLN B 111 -7.79 -12.60 -3.19
N ILE B 112 -7.37 -13.39 -2.19
CA ILE B 112 -7.54 -14.85 -2.20
C ILE B 112 -8.95 -15.28 -1.82
N VAL B 113 -9.45 -14.73 -0.71
CA VAL B 113 -10.78 -15.03 -0.28
C VAL B 113 -11.75 -14.57 -1.37
N LEU B 114 -11.54 -13.36 -1.88
CA LEU B 114 -12.42 -12.82 -2.90
C LEU B 114 -12.38 -13.70 -4.13
N GLY B 115 -11.20 -14.24 -4.43
CA GLY B 115 -11.00 -15.08 -5.61
C GLY B 115 -11.70 -16.42 -5.53
N VAL B 116 -11.75 -16.96 -4.31
CA VAL B 116 -12.45 -18.18 -4.00
C VAL B 116 -13.94 -17.95 -4.15
N GLN B 117 -14.48 -17.05 -3.33
CA GLN B 117 -15.94 -16.76 -3.33
C GLN B 117 -16.40 -16.42 -4.74
N ASP B 118 -15.51 -15.92 -5.59
CA ASP B 118 -16.00 -15.62 -6.94
C ASP B 118 -16.20 -16.97 -7.63
N LEU B 119 -15.29 -17.90 -7.41
CA LEU B 119 -15.40 -19.22 -8.06
C LEU B 119 -16.59 -19.98 -7.47
N LEU B 120 -17.19 -19.46 -6.41
CA LEU B 120 -18.26 -20.28 -5.87
C LEU B 120 -19.42 -20.37 -6.83
N ASP B 121 -19.92 -19.23 -7.31
CA ASP B 121 -20.95 -19.25 -8.34
C ASP B 121 -20.34 -18.88 -9.70
N SER B 122 -19.09 -19.26 -9.94
CA SER B 122 -18.50 -19.16 -11.28
C SER B 122 -17.63 -20.36 -11.62
N PRO B 123 -18.13 -21.56 -11.31
CA PRO B 123 -17.28 -22.73 -11.46
C PRO B 123 -16.83 -22.85 -12.92
N ASN B 124 -15.52 -22.83 -13.12
CA ASN B 124 -14.93 -23.06 -14.43
C ASN B 124 -15.00 -24.55 -14.75
N PRO B 125 -15.82 -24.92 -15.76
CA PRO B 125 -16.11 -26.30 -16.09
C PRO B 125 -15.03 -26.95 -16.95
N ASN B 126 -14.07 -26.13 -17.41
CA ASN B 126 -12.98 -26.64 -18.20
C ASN B 126 -11.92 -27.38 -17.39
N SER B 127 -12.07 -27.38 -16.07
CA SER B 127 -11.04 -27.92 -15.19
C SER B 127 -11.62 -28.51 -13.90
N PRO B 128 -12.58 -29.45 -14.03
CA PRO B 128 -13.24 -30.02 -12.86
C PRO B 128 -12.24 -30.72 -11.97
N LYS B 129 -12.46 -30.75 -10.73
CA LYS B 129 -11.46 -31.21 -9.75
C LYS B 129 -12.05 -32.31 -8.85
N GLN B 130 -13.39 -32.43 -8.93
CA GLN B 130 -14.25 -33.43 -8.23
C GLN B 130 -15.16 -34.16 -9.25
N GLU B 131 -15.77 -35.30 -8.89
CA GLU B 131 -16.58 -36.05 -9.86
C GLU B 131 -18.09 -36.11 -9.55
N PRO B 132 -18.49 -36.08 -8.26
CA PRO B 132 -19.94 -35.92 -8.03
C PRO B 132 -20.37 -34.56 -8.54
N ALA B 133 -19.77 -33.53 -7.95
CA ALA B 133 -20.09 -32.12 -8.24
C ALA B 133 -20.06 -31.84 -9.75
N TRP B 134 -19.15 -32.42 -10.50
CA TRP B 134 -19.10 -32.07 -11.94
C TRP B 134 -20.11 -32.88 -12.74
N ARG B 135 -20.40 -34.10 -12.34
CA ARG B 135 -21.38 -34.89 -13.11
C ARG B 135 -22.69 -34.09 -13.09
N SER B 136 -23.13 -33.78 -11.89
CA SER B 136 -24.37 -33.04 -11.64
C SER B 136 -24.39 -31.62 -12.21
N PHE B 137 -23.23 -30.95 -12.24
CA PHE B 137 -23.18 -29.62 -12.86
C PHE B 137 -23.43 -29.66 -14.39
N SER B 138 -23.09 -30.75 -15.05
CA SER B 138 -23.41 -30.89 -16.47
C SER B 138 -24.65 -31.79 -16.72
N ARG B 139 -24.86 -32.79 -15.87
CA ARG B 139 -26.02 -33.72 -15.99
C ARG B 139 -27.40 -33.11 -15.74
N ASN B 140 -27.63 -32.62 -14.52
CA ASN B 140 -28.77 -31.75 -14.21
C ASN B 140 -28.45 -30.81 -13.06
N LYS B 141 -28.36 -29.52 -13.38
CA LYS B 141 -28.17 -28.49 -12.37
C LYS B 141 -29.43 -28.45 -11.53
N ALA B 142 -30.51 -29.00 -12.08
CA ALA B 142 -31.77 -29.09 -11.38
C ALA B 142 -31.51 -29.47 -9.93
N GLU B 143 -30.84 -30.60 -9.72
CA GLU B 143 -30.66 -31.13 -8.37
C GLU B 143 -29.31 -30.79 -7.81
N TYR B 144 -28.36 -30.49 -8.69
CA TYR B 144 -27.09 -29.91 -8.28
C TYR B 144 -27.38 -28.69 -7.39
N ASP B 145 -28.16 -27.74 -7.92
CA ASP B 145 -28.59 -26.58 -7.14
C ASP B 145 -29.18 -26.97 -5.82
N LYS B 146 -29.90 -28.10 -5.80
CA LYS B 146 -30.49 -28.60 -4.56
C LYS B 146 -29.43 -28.96 -3.51
N LYS B 147 -28.43 -29.76 -3.93
CA LYS B 147 -27.34 -30.14 -3.03
C LYS B 147 -26.52 -28.92 -2.62
N VAL B 148 -26.45 -27.94 -3.53
CA VAL B 148 -25.83 -26.64 -3.25
C VAL B 148 -26.53 -25.90 -2.12
N LEU B 149 -27.85 -26.05 -2.06
CA LEU B 149 -28.66 -25.34 -1.07
C LEU B 149 -28.60 -26.00 0.28
N LEU B 150 -28.36 -27.30 0.30
CA LEU B 150 -28.26 -28.02 1.55
C LEU B 150 -26.90 -27.76 2.17
N GLN B 151 -25.87 -27.71 1.32
CA GLN B 151 -24.52 -27.35 1.74
C GLN B 151 -24.44 -25.87 2.09
N ALA B 152 -25.29 -25.07 1.44
CA ALA B 152 -25.40 -23.65 1.75
C ALA B 152 -25.99 -23.45 3.13
N ARG B 153 -27.15 -24.06 3.37
CA ARG B 153 -27.84 -23.92 4.65
C ARG B 153 -27.03 -24.56 5.74
N GLN B 154 -26.42 -25.70 5.41
CA GLN B 154 -25.55 -26.43 6.35
C GLN B 154 -24.69 -25.46 7.12
N TYR B 155 -24.08 -24.52 6.40
CA TYR B 155 -22.94 -23.79 6.94
C TYR B 155 -23.23 -22.49 7.59
N SER B 156 -24.48 -22.25 7.95
CA SER B 156 -24.75 -21.12 8.80
C SER B 156 -24.84 -21.51 10.30
N LYS B 157 -23.70 -21.74 10.96
CA LYS B 157 -23.67 -22.00 12.41
C LYS B 157 -23.91 -20.70 13.15
N HIS C 20 42.85 14.81 -22.57
CA HIS C 20 41.58 15.56 -22.34
C HIS C 20 40.55 14.62 -21.72
N MET C 21 40.43 13.41 -22.26
CA MET C 21 39.47 12.38 -21.78
C MET C 21 39.53 12.27 -20.26
N LEU C 22 40.72 12.11 -19.69
CA LEU C 22 40.87 12.04 -18.22
C LEU C 22 40.22 13.29 -17.62
N GLU C 23 40.63 14.47 -18.08
CA GLU C 23 40.09 15.75 -17.55
C GLU C 23 38.56 15.72 -17.68
N ALA C 24 38.06 15.37 -18.85
CA ALA C 24 36.59 15.31 -19.06
C ALA C 24 35.97 14.41 -18.00
N ARG C 25 36.39 13.15 -17.95
CA ARG C 25 35.80 12.22 -16.95
C ARG C 25 36.00 12.79 -15.55
N ASP C 26 37.21 13.23 -15.22
CA ASP C 26 37.53 13.78 -13.88
C ASP C 26 36.52 14.85 -13.51
N LEU C 27 36.23 15.76 -14.44
CA LEU C 27 35.25 16.83 -14.16
C LEU C 27 33.93 16.20 -13.71
N SER C 28 33.38 15.29 -14.51
CA SER C 28 32.10 14.66 -14.18
C SER C 28 32.12 14.04 -12.77
N ASN C 29 33.29 13.57 -12.34
CA ASN C 29 33.50 13.12 -10.95
C ASN C 29 33.11 14.19 -9.94
N ILE C 30 33.60 15.40 -10.19
CA ILE C 30 33.31 16.55 -9.35
C ILE C 30 31.81 16.85 -9.32
N TYR C 31 31.18 16.80 -10.50
CA TYR C 31 29.75 17.08 -10.62
C TYR C 31 28.91 16.04 -9.91
N GLN C 32 29.31 14.78 -10.00
CA GLN C 32 28.59 13.74 -9.29
C GLN C 32 28.56 14.04 -7.78
N GLN C 33 29.74 14.34 -7.22
CA GLN C 33 29.85 14.64 -5.79
C GLN C 33 28.97 15.84 -5.45
N CYS C 34 28.93 16.84 -6.34
CA CYS C 34 28.02 17.97 -6.21
C CYS C 34 26.57 17.50 -6.06
N TYR C 35 26.11 16.69 -7.01
CA TYR C 35 24.76 16.17 -6.96
C TYR C 35 24.57 15.34 -5.71
N LYS C 36 25.49 14.41 -5.45
CA LYS C 36 25.50 13.63 -4.21
C LYS C 36 25.40 14.57 -2.99
N GLN C 37 26.04 15.74 -3.08
CA GLN C 37 25.98 16.74 -2.03
C GLN C 37 24.60 17.37 -1.87
N ILE C 38 23.96 17.68 -3.01
CA ILE C 38 22.57 18.16 -3.02
C ILE C 38 21.65 17.11 -2.38
N ASP C 39 21.84 15.85 -2.78
CA ASP C 39 21.12 14.69 -2.24
C ASP C 39 21.16 14.70 -0.73
N GLU C 40 22.37 14.69 -0.18
CA GLU C 40 22.56 14.62 1.26
C GLU C 40 21.91 15.79 2.00
N THR C 41 21.89 16.96 1.39
CA THR C 41 21.30 18.13 2.04
C THR C 41 19.78 18.02 2.10
N ILE C 42 19.20 17.71 0.94
CA ILE C 42 17.77 17.47 0.80
C ILE C 42 17.30 16.43 1.80
N ASN C 43 17.92 15.24 1.76
CA ASN C 43 17.62 14.18 2.70
C ASN C 43 17.60 14.72 4.11
N GLN C 44 18.72 15.29 4.51
CA GLN C 44 18.90 15.85 5.84
C GLN C 44 17.87 16.93 6.13
N LEU C 45 17.49 17.67 5.10
CA LEU C 45 16.53 18.74 5.29
C LEU C 45 15.20 18.21 5.84
N VAL C 46 14.72 17.13 5.23
CA VAL C 46 13.43 16.54 5.58
C VAL C 46 13.54 15.69 6.83
N ASP C 47 14.64 14.94 6.91
CA ASP C 47 14.89 13.98 7.98
C ASP C 47 15.04 14.67 9.34
N SER C 48 14.99 16.00 9.35
CA SER C 48 15.21 16.76 10.59
C SER C 48 14.54 18.12 10.77
N THR C 49 13.38 18.29 10.12
CA THR C 49 12.62 19.57 10.19
C THR C 49 11.66 19.57 11.38
N SER C 50 11.23 20.76 11.82
CA SER C 50 10.29 20.90 12.96
C SER C 50 8.91 21.48 12.62
N PRO C 51 8.82 22.71 12.08
CA PRO C 51 7.55 23.25 11.54
C PRO C 51 7.27 22.60 10.19
N SER C 52 6.00 22.34 9.87
CA SER C 52 5.69 21.68 8.60
C SER C 52 4.51 22.32 7.84
N THR C 53 4.79 23.45 7.21
CA THR C 53 3.82 24.14 6.35
C THR C 53 4.47 24.48 5.00
N ILE C 54 4.30 25.73 4.56
CA ILE C 54 4.83 26.23 3.26
C ILE C 54 6.14 27.03 3.45
N GLY C 55 6.69 26.96 4.66
CA GLY C 55 8.00 27.54 4.98
C GLY C 55 9.12 26.75 4.31
N ILE C 56 8.87 25.46 4.12
CA ILE C 56 9.76 24.56 3.37
C ILE C 56 9.71 24.85 1.87
N GLU C 57 8.70 25.60 1.44
CA GLU C 57 8.60 25.90 0.01
C GLU C 57 9.76 26.77 -0.41
N GLU C 58 10.06 27.78 0.40
CA GLU C 58 11.28 28.55 0.18
C GLU C 58 12.53 27.68 0.25
N GLN C 59 12.55 26.70 1.14
CA GLN C 59 13.64 25.74 1.18
C GLN C 59 13.89 25.18 -0.21
N VAL C 60 12.89 24.47 -0.73
CA VAL C 60 13.04 23.76 -1.99
C VAL C 60 13.36 24.74 -3.10
N ALA C 61 12.71 25.91 -3.07
CA ALA C 61 12.95 26.96 -4.07
C ALA C 61 14.45 27.21 -4.24
N ASP C 62 15.14 27.57 -3.16
CA ASP C 62 16.59 27.80 -3.22
C ASP C 62 17.25 26.57 -3.81
N ILE C 63 16.97 25.44 -3.19
CA ILE C 63 17.56 24.19 -3.60
C ILE C 63 17.28 23.89 -5.07
N THR C 64 16.05 24.08 -5.51
CA THR C 64 15.74 23.87 -6.89
C THR C 64 16.62 24.77 -7.76
N SER C 65 16.52 26.08 -7.59
CA SER C 65 17.30 27.04 -8.39
C SER C 65 18.78 26.67 -8.42
N THR C 66 19.35 26.37 -7.25
CA THR C 66 20.74 25.97 -7.15
C THR C 66 20.99 24.79 -8.09
N TYR C 67 20.13 23.79 -7.99
CA TYR C 67 20.27 22.62 -8.85
C TYR C 67 20.19 23.02 -10.30
N LYS C 68 19.15 23.77 -10.65
CA LYS C 68 18.96 24.15 -12.04
C LYS C 68 20.24 24.82 -12.53
N LEU C 69 20.72 25.80 -11.78
CA LEU C 69 21.95 26.50 -12.12
C LEU C 69 23.07 25.52 -12.36
N LEU C 70 23.36 24.72 -11.33
CA LEU C 70 24.41 23.71 -11.40
C LEU C 70 24.32 22.85 -12.66
N SER C 71 23.14 22.27 -12.89
CA SER C 71 22.92 21.44 -14.04
C SER C 71 23.27 22.24 -15.29
N THR C 72 22.79 23.46 -15.36
CA THR C 72 23.02 24.32 -16.52
C THR C 72 24.51 24.41 -16.84
N TYR C 73 25.32 24.79 -15.86
CA TYR C 73 26.76 24.88 -16.06
C TYR C 73 27.33 23.57 -16.60
N GLU C 74 26.93 22.45 -16.01
CA GLU C 74 27.47 21.15 -16.42
C GLU C 74 27.23 20.91 -17.89
N SER C 75 26.03 21.27 -18.35
CA SER C 75 25.57 21.11 -19.76
C SER C 75 26.65 21.48 -20.78
N GLU C 76 27.43 22.53 -20.50
CA GLU C 76 28.57 22.90 -21.38
C GLU C 76 29.96 22.39 -21.05
N SER C 77 30.46 22.72 -19.86
CA SER C 77 31.54 22.10 -19.08
C SER C 77 32.37 20.98 -19.73
N ASN C 78 32.29 19.78 -19.14
CA ASN C 78 33.21 18.66 -19.38
C ASN C 78 34.51 18.99 -20.12
N ASN C 87 19.50 10.67 -16.95
CA ASN C 87 19.41 11.83 -16.08
C ASN C 87 19.81 11.50 -14.64
N THR C 88 19.98 12.53 -13.80
CA THR C 88 20.31 12.30 -12.40
C THR C 88 19.06 12.35 -11.52
N ASP C 89 18.89 11.30 -10.72
CA ASP C 89 17.74 11.14 -9.83
C ASP C 89 17.40 12.39 -9.03
N THR C 90 18.42 13.12 -8.59
CA THR C 90 18.26 14.33 -7.78
C THR C 90 17.14 15.21 -8.34
N LEU C 91 17.13 15.37 -9.66
CA LEU C 91 16.10 16.15 -10.34
C LEU C 91 14.73 15.59 -10.06
N LYS C 92 14.54 14.31 -10.37
CA LYS C 92 13.32 13.60 -10.06
C LYS C 92 12.87 13.96 -8.64
N ILE C 93 13.71 13.63 -7.66
CA ILE C 93 13.48 13.97 -6.25
C ILE C 93 12.93 15.36 -6.05
N LEU C 94 13.54 16.32 -6.74
CA LEU C 94 13.22 17.73 -6.54
C LEU C 94 11.86 18.11 -7.09
N LYS C 95 11.44 17.47 -8.18
CA LYS C 95 10.18 17.77 -8.83
C LYS C 95 9.02 17.02 -8.18
N VAL C 96 9.32 16.25 -7.15
CA VAL C 96 8.35 15.41 -6.46
C VAL C 96 8.18 15.89 -5.03
N LEU C 97 9.29 16.39 -4.47
CA LEU C 97 9.34 16.79 -3.08
C LEU C 97 8.17 17.69 -2.60
N PRO C 98 7.80 18.76 -3.37
CA PRO C 98 6.70 19.60 -2.87
C PRO C 98 5.46 18.78 -2.53
N TYR C 99 5.11 17.83 -3.40
CA TYR C 99 3.98 16.94 -3.20
C TYR C 99 4.20 16.03 -2.00
N ILE C 100 5.36 15.38 -1.96
CA ILE C 100 5.71 14.47 -0.87
C ILE C 100 5.49 15.17 0.48
N TRP C 101 5.64 16.49 0.46
CA TRP C 101 5.48 17.29 1.65
C TRP C 101 4.07 17.30 2.18
N ASN C 102 3.15 17.83 1.36
CA ASN C 102 1.73 17.93 1.74
C ASN C 102 1.10 16.60 2.18
N ASP C 103 1.62 15.50 1.62
CA ASP C 103 1.13 14.14 1.89
C ASP C 103 2.13 13.15 1.28
N PRO C 104 2.85 12.40 2.13
CA PRO C 104 3.84 11.43 1.64
C PRO C 104 3.25 10.29 0.81
N THR C 105 1.97 9.98 1.00
CA THR C 105 1.32 8.86 0.30
C THR C 105 0.69 9.30 -1.01
N CYS C 106 0.94 10.54 -1.41
CA CYS C 106 0.39 11.07 -2.64
C CYS C 106 0.76 10.25 -3.84
N VAL C 107 -0.20 10.17 -4.77
CA VAL C 107 0.10 9.79 -6.14
C VAL C 107 0.26 11.13 -6.84
N ILE C 108 1.13 11.19 -7.84
CA ILE C 108 1.47 12.47 -8.45
C ILE C 108 0.64 12.69 -9.71
N PRO C 109 -0.02 13.88 -9.83
CA PRO C 109 -0.67 14.25 -11.09
C PRO C 109 0.34 14.28 -12.21
N ASP C 110 1.15 13.23 -12.25
CA ASP C 110 2.26 13.02 -13.19
C ASP C 110 1.78 13.13 -14.63
N LEU C 111 0.52 12.77 -14.85
CA LEU C 111 -0.06 13.01 -16.19
C LEU C 111 -0.02 14.54 -16.31
N GLN C 112 0.70 15.08 -17.29
CA GLN C 112 0.80 16.57 -17.37
C GLN C 112 0.05 17.11 -18.59
N ASN C 113 -1.14 17.65 -18.31
CA ASN C 113 -2.15 18.27 -19.21
C ASN C 113 -1.65 18.53 -20.64
N PRO C 114 -1.62 17.54 -21.56
CA PRO C 114 -1.21 17.79 -22.93
C PRO C 114 -2.43 18.49 -23.53
N ALA C 115 -2.35 19.80 -23.71
CA ALA C 115 -3.50 20.60 -24.18
C ALA C 115 -4.77 20.24 -23.40
N ASP C 116 -5.68 19.52 -24.05
CA ASP C 116 -6.98 19.18 -23.48
C ASP C 116 -6.85 17.65 -23.42
N GLU C 117 -6.05 17.14 -22.49
CA GLU C 117 -6.19 15.84 -21.84
C GLU C 117 -7.35 16.12 -20.90
N ASP C 118 -8.52 15.62 -21.29
CA ASP C 118 -9.72 15.58 -20.44
C ASP C 118 -10.04 14.17 -20.01
N ASP C 119 -9.14 13.76 -19.14
CA ASP C 119 -9.17 12.61 -18.27
C ASP C 119 -7.86 12.78 -17.52
N LEU C 120 -7.71 13.90 -16.81
CA LEU C 120 -6.43 14.04 -16.09
C LEU C 120 -6.48 13.12 -14.89
N GLN C 121 -5.30 12.67 -14.47
CA GLN C 121 -5.10 11.79 -13.29
C GLN C 121 -4.91 12.72 -12.08
N ILE C 122 -5.93 13.52 -11.76
CA ILE C 122 -5.90 14.59 -10.73
C ILE C 122 -5.87 14.01 -9.33
N GLU C 123 -5.39 14.83 -8.40
CA GLU C 123 -5.32 14.55 -6.94
C GLU C 123 -4.57 13.25 -6.70
N GLY C 124 -4.21 12.52 -7.75
CA GLY C 124 -3.57 11.22 -7.56
C GLY C 124 -4.30 10.38 -6.54
N GLY C 125 -3.82 10.40 -5.30
CA GLY C 125 -4.52 9.74 -4.21
C GLY C 125 -3.70 9.19 -3.07
N LYS C 126 -3.81 7.89 -2.87
CA LYS C 126 -3.10 7.24 -1.79
C LYS C 126 -2.41 5.97 -2.28
N ILE C 127 -1.16 5.80 -1.85
CA ILE C 127 -0.41 4.56 -2.03
C ILE C 127 -0.07 4.09 -0.62
N GLU C 128 0.24 2.81 -0.47
CA GLU C 128 0.62 2.33 0.86
C GLU C 128 2.12 2.14 0.94
N LEU C 129 2.69 2.51 2.09
CA LEU C 129 4.13 2.58 2.25
C LEU C 129 4.70 1.35 2.97
N THR C 130 4.16 0.19 2.62
CA THR C 130 4.62 -1.09 3.16
C THR C 130 5.13 -1.92 2.00
N CYS C 131 6.30 -2.53 2.13
CA CYS C 131 6.80 -3.42 1.09
C CYS C 131 5.88 -4.60 0.88
N PRO C 132 5.54 -4.91 -0.38
CA PRO C 132 4.63 -5.99 -0.72
C PRO C 132 5.12 -7.36 -0.31
N ILE C 133 6.42 -7.51 -0.18
CA ILE C 133 6.96 -8.80 0.16
C ILE C 133 7.10 -8.99 1.65
N THR C 134 7.75 -8.05 2.31
CA THR C 134 8.02 -8.18 3.73
C THR C 134 6.73 -7.94 4.46
N CYS C 135 5.84 -7.20 3.80
CA CYS C 135 4.56 -6.74 4.36
C CYS C 135 4.75 -5.82 5.57
N LYS C 136 6.01 -5.51 5.85
CA LYS C 136 6.38 -4.48 6.81
C LYS C 136 6.61 -3.17 6.05
N PRO C 137 6.60 -2.02 6.77
CA PRO C 137 6.98 -0.76 6.13
C PRO C 137 8.43 -0.80 5.65
N TYR C 138 8.82 0.19 4.84
CA TYR C 138 10.11 0.18 4.18
C TYR C 138 11.24 0.62 5.06
N GLU C 139 12.30 -0.18 5.12
CA GLU C 139 13.52 0.25 5.79
C GLU C 139 14.65 0.43 4.79
N ALA C 140 14.44 0.00 3.55
CA ALA C 140 15.45 0.14 2.50
C ALA C 140 14.89 -0.10 1.10
N PRO C 141 14.10 0.86 0.58
CA PRO C 141 13.48 0.74 -0.75
C PRO C 141 14.48 0.47 -1.85
N LEU C 142 14.07 -0.37 -2.79
CA LEU C 142 14.94 -0.78 -3.88
C LEU C 142 14.18 -0.91 -5.20
N ILE C 143 14.04 0.21 -5.91
CA ILE C 143 13.25 0.26 -7.13
C ILE C 143 13.80 -0.58 -8.29
N SER C 144 12.92 -1.34 -8.95
CA SER C 144 13.28 -2.11 -10.14
C SER C 144 13.43 -1.16 -11.33
N ARG C 145 14.08 -1.65 -12.38
CA ARG C 145 14.36 -0.82 -13.53
C ARG C 145 13.71 -1.34 -14.80
N LYS C 146 13.31 -2.61 -14.80
CA LYS C 146 12.58 -3.17 -15.93
C LYS C 146 11.12 -2.71 -15.85
N CYS C 147 10.55 -2.77 -14.66
CA CYS C 147 9.33 -2.05 -14.31
C CYS C 147 9.77 -0.93 -13.37
N ASN C 148 8.87 -0.45 -12.50
CA ASN C 148 9.28 0.49 -11.46
C ASN C 148 8.92 0.03 -10.08
N HIS C 149 8.88 -1.28 -9.86
CA HIS C 149 8.29 -1.81 -8.65
C HIS C 149 9.21 -1.73 -7.48
N VAL C 150 8.78 -1.03 -6.45
CA VAL C 150 9.64 -0.77 -5.32
C VAL C 150 9.46 -1.87 -4.27
N PHE C 151 10.54 -2.58 -3.95
CA PHE C 151 10.52 -3.58 -2.89
C PHE C 151 11.66 -3.33 -1.92
N ASP C 152 11.46 -3.74 -0.67
CA ASP C 152 12.48 -3.60 0.35
C ASP C 152 13.68 -4.48 -0.03
N ARG C 153 14.88 -4.01 0.28
CA ARG C 153 16.11 -4.74 -0.04
C ARG C 153 16.01 -6.19 0.46
N ASP C 154 15.63 -6.33 1.73
CA ASP C 154 15.53 -7.63 2.36
C ASP C 154 14.57 -8.56 1.64
N GLY C 155 13.48 -7.99 1.14
CA GLY C 155 12.53 -8.71 0.31
C GLY C 155 13.02 -9.30 -1.01
N ILE C 156 13.54 -8.44 -1.87
CA ILE C 156 14.16 -8.88 -3.12
C ILE C 156 15.32 -9.85 -2.89
N GLN C 157 16.17 -9.54 -1.91
CA GLN C 157 17.32 -10.39 -1.62
C GLN C 157 16.90 -11.79 -1.22
N ASN C 158 15.85 -11.90 -0.41
CA ASN C 158 15.31 -13.19 -0.02
C ASN C 158 14.59 -13.87 -1.16
N TYR C 159 13.91 -13.08 -1.98
CA TYR C 159 13.21 -13.62 -3.13
C TYR C 159 14.19 -14.10 -4.21
N LEU C 160 15.23 -13.33 -4.49
CA LEU C 160 16.19 -13.69 -5.52
C LEU C 160 17.28 -14.61 -5.01
N GLN C 161 17.06 -15.21 -3.84
CA GLN C 161 18.01 -16.17 -3.29
C GLN C 161 17.91 -17.48 -4.06
N GLY C 162 19.07 -18.02 -4.43
CA GLY C 162 19.12 -19.25 -5.22
C GLY C 162 18.91 -18.93 -6.68
N TYR C 163 17.65 -18.77 -7.08
CA TYR C 163 17.31 -18.37 -8.44
C TYR C 163 18.01 -17.07 -8.82
N THR C 164 18.59 -17.01 -10.01
CA THR C 164 19.27 -15.80 -10.48
C THR C 164 18.28 -14.85 -11.16
N THR C 165 17.22 -15.41 -11.75
CA THR C 165 16.15 -14.62 -12.36
C THR C 165 14.78 -15.22 -12.08
N ARG C 166 13.86 -14.35 -11.71
CA ARG C 166 12.48 -14.73 -11.42
C ARG C 166 11.58 -13.64 -11.96
N ASP C 167 10.30 -13.97 -12.17
CA ASP C 167 9.29 -12.98 -12.53
C ASP C 167 9.21 -11.93 -11.44
N CYS C 168 9.01 -10.66 -11.80
CA CYS C 168 8.82 -9.61 -10.80
C CYS C 168 7.78 -10.07 -9.77
N PRO C 169 8.07 -9.89 -8.46
CA PRO C 169 7.16 -10.32 -7.40
C PRO C 169 5.89 -9.49 -7.28
N GLN C 170 5.78 -8.40 -8.05
CA GLN C 170 4.52 -7.70 -8.14
C GLN C 170 3.61 -8.48 -9.07
N ALA C 171 2.32 -8.53 -8.74
CA ALA C 171 1.37 -9.26 -9.56
C ALA C 171 1.07 -8.50 -10.83
N ALA C 172 0.82 -9.26 -11.90
CA ALA C 172 0.50 -8.73 -13.22
C ALA C 172 1.62 -7.89 -13.80
N CYS C 173 2.87 -8.28 -13.55
CA CYS C 173 4.04 -7.69 -14.19
C CYS C 173 4.90 -8.75 -14.89
N SER C 174 5.08 -8.56 -16.18
CA SER C 174 5.65 -9.64 -16.98
C SER C 174 7.16 -9.61 -17.07
N GLN C 175 7.77 -8.42 -16.95
CA GLN C 175 9.22 -8.31 -17.02
C GLN C 175 9.83 -9.26 -16.00
N VAL C 176 10.82 -10.04 -16.45
CA VAL C 176 11.63 -10.90 -15.57
C VAL C 176 12.78 -10.07 -15.03
N VAL C 177 13.26 -10.47 -13.86
CA VAL C 177 14.06 -9.61 -13.02
C VAL C 177 15.10 -10.42 -12.24
N SER C 178 16.35 -9.93 -12.25
CA SER C 178 17.43 -10.49 -11.42
C SER C 178 17.81 -9.52 -10.31
N MET C 179 18.71 -9.94 -9.43
CA MET C 179 19.14 -9.08 -8.34
C MET C 179 19.84 -7.82 -8.88
N ARG C 180 20.37 -7.93 -10.09
CA ARG C 180 21.16 -6.89 -10.76
C ARG C 180 20.33 -5.70 -11.27
N ASP C 181 19.01 -5.76 -11.15
CA ASP C 181 18.12 -4.74 -11.77
C ASP C 181 17.63 -3.65 -10.82
N PHE C 182 18.20 -3.57 -9.62
CA PHE C 182 17.67 -2.66 -8.62
C PHE C 182 18.64 -1.58 -8.20
N VAL C 183 18.12 -0.37 -8.02
CA VAL C 183 18.89 0.77 -7.54
C VAL C 183 18.22 1.25 -6.27
N ARG C 184 19.00 1.83 -5.36
CA ARG C 184 18.48 2.37 -4.11
C ARG C 184 17.48 3.50 -4.42
N ASP C 185 16.20 3.32 -4.09
CA ASP C 185 15.19 4.35 -4.38
C ASP C 185 15.17 5.47 -3.35
N PRO C 186 15.41 6.72 -3.79
CA PRO C 186 15.35 7.88 -2.90
C PRO C 186 13.93 8.36 -2.65
N ILE C 187 13.07 8.28 -3.66
CA ILE C 187 11.69 8.73 -3.58
C ILE C 187 11.00 8.12 -2.38
N MET C 188 11.11 6.80 -2.27
CA MET C 188 10.45 6.08 -1.20
C MET C 188 11.02 6.47 0.13
N GLU C 189 12.35 6.56 0.20
CA GLU C 189 13.05 6.94 1.43
C GLU C 189 12.50 8.25 1.98
N LEU C 190 12.22 9.18 1.07
CA LEU C 190 11.62 10.42 1.48
C LEU C 190 10.23 10.17 1.98
N ARG C 191 9.35 9.72 1.09
CA ARG C 191 7.97 9.40 1.42
C ARG C 191 7.80 8.67 2.73
N CYS C 192 8.77 7.81 3.05
CA CYS C 192 8.83 7.11 4.33
C CYS C 192 9.33 7.99 5.47
N LYS C 193 10.38 8.77 5.19
CA LYS C 193 10.92 9.68 6.19
C LYS C 193 9.88 10.73 6.53
N ILE C 194 9.34 11.38 5.50
CA ILE C 194 8.20 12.30 5.66
C ILE C 194 7.13 11.64 6.54
N ALA C 195 6.63 10.50 6.10
CA ALA C 195 5.51 9.82 6.75
C ALA C 195 5.75 9.51 8.23
N LYS C 196 6.95 9.04 8.57
CA LYS C 196 7.31 8.74 9.95
C LYS C 196 7.43 9.99 10.81
N MET C 197 7.81 11.10 10.18
CA MET C 197 7.79 12.40 10.83
C MET C 197 6.33 12.86 10.95
N LYS C 198 5.58 12.69 9.86
CA LYS C 198 4.19 13.17 9.72
C LYS C 198 3.38 12.12 10.49
N GLU C 199 3.82 11.86 11.71
CA GLU C 199 3.07 11.11 12.69
C GLU C 199 3.81 11.14 14.03
N SER C 200 5.11 11.40 13.98
CA SER C 200 5.93 11.54 15.17
C SER C 200 5.22 12.43 16.18
N GLN C 201 4.64 13.51 15.67
CA GLN C 201 3.86 14.43 16.48
C GLN C 201 2.45 13.90 16.64
N GLU C 202 1.69 13.89 15.54
CA GLU C 202 0.34 13.33 15.52
C GLU C 202 -0.08 12.90 14.13
N GLN C 203 -0.66 11.71 14.07
CA GLN C 203 -1.12 11.08 12.84
C GLN C 203 -2.52 11.58 12.52
N ASP C 204 -3.46 11.25 13.40
CA ASP C 204 -4.86 11.60 13.20
C ASP C 204 -5.42 12.49 14.31
N LYS C 205 -4.67 12.61 15.42
CA LYS C 205 -5.07 13.43 16.56
C LYS C 205 -6.38 12.96 17.19
N ARG C 206 -7.17 13.93 17.64
CA ARG C 206 -8.53 13.70 18.14
C ARG C 206 -9.52 13.86 16.98
N SER C 207 -9.57 12.85 16.10
CA SER C 207 -10.42 12.86 14.90
C SER C 207 -11.84 13.32 15.22
N SER C 208 -12.29 14.39 14.55
CA SER C 208 -13.64 14.95 14.75
C SER C 208 -14.73 13.89 14.55
N GLN C 209 -14.40 12.89 13.72
CA GLN C 209 -15.28 11.74 13.46
C GLN C 209 -15.17 10.58 14.47
N ALA C 210 -14.29 10.75 15.46
CA ALA C 210 -14.07 9.71 16.51
C ALA C 210 -15.00 9.98 17.69
N ILE C 211 -16.26 9.54 17.60
CA ILE C 211 -17.25 9.73 18.70
C ILE C 211 -16.49 9.09 19.87
N ASP C 212 -16.14 9.91 20.87
CA ASP C 212 -15.56 9.42 22.15
C ASP C 212 -16.68 8.83 23.02
N VAL C 213 -16.73 7.49 23.13
CA VAL C 213 -17.73 6.83 23.92
C VAL C 213 -17.37 6.93 25.39
N LEU C 214 -18.25 7.58 26.14
CA LEU C 214 -18.07 7.79 27.57
C LEU C 214 -18.51 6.52 28.31
N THR D 45 -3.48 4.30 25.52
CA THR D 45 -4.32 5.42 26.04
C THR D 45 -5.81 5.28 25.64
N HIS D 46 -6.11 5.50 24.36
CA HIS D 46 -7.48 5.60 23.82
C HIS D 46 -7.48 5.33 22.34
N ILE D 47 -8.17 4.28 21.90
CA ILE D 47 -8.08 3.86 20.48
C ILE D 47 -9.33 4.11 19.63
N ASN D 48 -9.15 3.94 18.32
CA ASN D 48 -10.16 4.28 17.33
C ASN D 48 -10.71 3.07 16.58
N LEU D 49 -12.03 2.89 16.63
CA LEU D 49 -12.67 1.68 16.09
C LEU D 49 -13.72 1.92 14.99
N LYS D 50 -13.45 1.39 13.80
CA LYS D 50 -14.37 1.53 12.67
C LYS D 50 -15.45 0.46 12.78
N VAL D 51 -16.71 0.88 12.96
CA VAL D 51 -17.80 -0.10 13.00
C VAL D 51 -18.61 -0.13 11.70
N SER D 52 -18.55 -1.25 11.00
CA SER D 52 -19.17 -1.33 9.69
C SER D 52 -20.52 -2.04 9.68
N ASP D 53 -21.51 -1.34 9.16
CA ASP D 53 -22.84 -1.88 8.98
C ASP D 53 -22.82 -2.83 7.81
N GLY D 54 -22.20 -2.39 6.73
CA GLY D 54 -22.18 -3.14 5.49
C GLY D 54 -21.81 -2.14 4.42
N SER D 55 -22.52 -1.01 4.41
CA SER D 55 -22.11 0.11 3.59
C SER D 55 -21.38 1.13 4.46
N SER D 56 -22.13 1.79 5.34
CA SER D 56 -21.56 2.86 6.16
C SER D 56 -20.76 2.35 7.35
N GLU D 57 -19.70 3.08 7.67
CA GLU D 57 -18.73 2.70 8.69
C GLU D 57 -18.52 3.82 9.72
N ILE D 58 -19.56 4.08 10.50
CA ILE D 58 -19.49 5.02 11.64
C ILE D 58 -18.34 4.63 12.57
N PHE D 59 -17.49 5.61 12.88
CA PHE D 59 -16.17 5.34 13.42
C PHE D 59 -15.97 6.00 14.80
N PHE D 60 -15.58 5.19 15.80
CA PHE D 60 -15.63 5.57 17.24
C PHE D 60 -14.28 5.61 17.97
N LYS D 61 -14.32 6.09 19.21
CA LYS D 61 -13.11 6.18 20.03
C LYS D 61 -13.38 5.75 21.47
N ILE D 62 -12.67 4.73 21.93
CA ILE D 62 -12.79 4.34 23.34
C ILE D 62 -11.49 4.10 24.09
N LYS D 63 -11.56 4.32 25.40
CA LYS D 63 -10.52 3.99 26.34
C LYS D 63 -10.36 2.53 26.00
N LYS D 64 -9.11 2.06 26.02
CA LYS D 64 -8.77 0.64 25.89
C LYS D 64 -9.41 -0.25 26.97
N THR D 65 -9.83 0.37 28.07
CA THR D 65 -10.28 -0.37 29.21
C THR D 65 -11.79 -0.35 29.39
N THR D 66 -12.51 0.05 28.34
CA THR D 66 -13.96 0.21 28.45
C THR D 66 -14.71 -0.98 27.86
N PRO D 67 -15.56 -1.65 28.68
CA PRO D 67 -16.45 -2.71 28.19
C PRO D 67 -17.19 -2.31 26.91
N LEU D 68 -17.14 -3.18 25.91
CA LEU D 68 -17.63 -2.87 24.57
C LEU D 68 -19.16 -2.76 24.46
N ARG D 69 -19.84 -2.90 25.59
CA ARG D 69 -21.27 -2.59 25.67
C ARG D 69 -21.52 -1.20 25.12
N ARG D 70 -20.78 -0.24 25.66
CA ARG D 70 -20.97 1.19 25.40
C ARG D 70 -20.93 1.51 23.90
N LEU D 71 -19.86 1.09 23.24
CA LEU D 71 -19.72 1.25 21.80
C LEU D 71 -20.91 0.62 21.08
N MET D 72 -21.28 -0.59 21.52
CA MET D 72 -22.36 -1.34 20.90
C MET D 72 -23.65 -0.54 20.84
N GLU D 73 -24.05 0.03 21.97
CA GLU D 73 -25.28 0.82 22.01
C GLU D 73 -25.10 2.16 21.32
N ALA D 74 -23.91 2.74 21.43
CA ALA D 74 -23.63 4.01 20.77
C ALA D 74 -23.99 3.89 19.30
N PHE D 75 -23.40 2.90 18.65
CA PHE D 75 -23.73 2.56 17.28
C PHE D 75 -25.23 2.28 17.13
N ALA D 76 -25.73 1.39 17.98
CA ALA D 76 -27.12 0.96 17.92
C ALA D 76 -28.06 2.14 17.79
N LYS D 77 -28.05 3.02 18.78
CA LYS D 77 -28.97 4.15 18.75
C LYS D 77 -28.52 5.32 17.88
N ARG D 78 -27.27 5.31 17.38
CA ARG D 78 -26.93 6.20 16.28
C ARG D 78 -27.64 5.69 15.02
N GLN D 79 -28.01 4.41 15.05
CA GLN D 79 -28.78 3.77 13.97
C GLN D 79 -30.26 3.73 14.29
N GLY D 80 -30.60 3.94 15.54
CA GLY D 80 -32.00 3.90 15.94
C GLY D 80 -32.46 2.48 16.18
N LYS D 81 -31.87 1.53 15.46
CA LYS D 81 -32.07 0.10 15.70
C LYS D 81 -31.85 -0.22 17.18
N GLU D 82 -32.60 -1.17 17.73
CA GLU D 82 -32.39 -1.52 19.13
C GLU D 82 -31.40 -2.66 19.25
N MET D 83 -30.73 -2.76 20.41
CA MET D 83 -29.50 -3.54 20.52
C MET D 83 -29.56 -5.03 20.16
N ASP D 84 -30.45 -5.76 20.82
CA ASP D 84 -30.55 -7.20 20.61
C ASP D 84 -31.11 -7.53 19.23
N SER D 85 -31.29 -6.48 18.43
CA SER D 85 -31.53 -6.59 17.01
C SER D 85 -30.20 -6.80 16.25
N LEU D 86 -29.08 -6.54 16.94
CA LEU D 86 -27.75 -6.51 16.33
C LEU D 86 -26.72 -7.49 16.90
N ARG D 87 -25.80 -7.91 16.02
CA ARG D 87 -24.68 -8.82 16.35
C ARG D 87 -23.35 -8.18 15.95
N PHE D 88 -22.45 -8.01 16.90
CA PHE D 88 -21.19 -7.36 16.60
C PHE D 88 -20.04 -8.35 16.54
N LEU D 89 -19.33 -8.38 15.43
CA LEU D 89 -18.25 -9.33 15.28
C LEU D 89 -16.87 -8.70 15.22
N TYR D 90 -15.87 -9.54 15.48
CA TYR D 90 -14.47 -9.20 15.39
C TYR D 90 -13.79 -10.53 15.31
N ASP D 91 -12.87 -10.67 14.36
CA ASP D 91 -12.26 -11.95 14.04
C ASP D 91 -13.30 -13.08 13.99
N GLY D 92 -14.49 -12.77 13.47
CA GLY D 92 -15.55 -13.75 13.32
C GLY D 92 -16.07 -14.28 14.63
N ILE D 93 -15.75 -13.61 15.72
CA ILE D 93 -16.19 -14.05 17.02
C ILE D 93 -17.18 -13.04 17.56
N ARG D 94 -18.33 -13.53 18.00
CA ARG D 94 -19.34 -12.67 18.58
C ARG D 94 -18.76 -12.04 19.83
N ILE D 95 -18.74 -10.70 19.84
CA ILE D 95 -18.22 -9.92 20.96
C ILE D 95 -19.25 -9.92 22.07
N GLN D 96 -18.81 -10.17 23.30
CA GLN D 96 -19.73 -10.21 24.43
C GLN D 96 -19.54 -9.11 25.48
N ALA D 97 -20.50 -8.17 25.50
CA ALA D 97 -20.79 -7.33 26.67
C ALA D 97 -19.56 -6.73 27.35
N ASP D 98 -19.11 -7.41 28.41
CA ASP D 98 -18.01 -7.00 29.28
C ASP D 98 -16.60 -6.91 28.65
N GLN D 99 -16.42 -7.47 27.46
CA GLN D 99 -15.09 -7.56 26.85
C GLN D 99 -14.51 -6.18 26.57
N THR D 100 -13.44 -5.80 27.25
CA THR D 100 -12.74 -4.55 26.91
C THR D 100 -11.82 -4.76 25.71
N PRO D 101 -11.65 -3.72 24.88
CA PRO D 101 -10.79 -3.81 23.68
C PRO D 101 -9.35 -4.19 23.99
N GLU D 102 -8.93 -3.89 25.22
CA GLU D 102 -7.62 -4.26 25.71
C GLU D 102 -7.47 -5.77 25.67
N ASP D 103 -8.54 -6.47 26.06
CA ASP D 103 -8.61 -7.93 25.92
C ASP D 103 -8.25 -8.32 24.49
N LEU D 104 -9.05 -7.85 23.54
CA LEU D 104 -9.02 -8.38 22.19
C LEU D 104 -7.86 -7.88 21.34
N ASP D 105 -6.87 -7.23 21.96
CA ASP D 105 -5.71 -6.73 21.21
C ASP D 105 -6.14 -5.90 19.99
N MET D 106 -7.01 -4.93 20.23
CA MET D 106 -7.45 -4.04 19.18
C MET D 106 -6.47 -2.89 19.03
N GLU D 107 -6.57 -2.18 17.92
CA GLU D 107 -5.72 -1.03 17.65
C GLU D 107 -6.51 0.04 16.90
N ASP D 108 -5.87 1.19 16.72
CA ASP D 108 -6.29 2.26 15.85
C ASP D 108 -6.68 1.73 14.46
N ASN D 109 -7.94 1.95 14.08
CA ASN D 109 -8.44 1.60 12.75
C ASN D 109 -8.90 0.17 12.52
N ASP D 110 -9.03 -0.62 13.58
CA ASP D 110 -9.57 -1.98 13.45
C ASP D 110 -11.06 -1.92 13.16
N ILE D 111 -11.59 -2.98 12.56
CA ILE D 111 -12.95 -2.97 12.03
C ILE D 111 -13.86 -3.92 12.82
N ILE D 112 -15.07 -3.47 13.12
CA ILE D 112 -15.99 -4.31 13.85
C ILE D 112 -17.26 -4.43 13.05
N GLU D 113 -17.54 -5.64 12.59
CA GLU D 113 -18.69 -5.86 11.72
C GLU D 113 -19.95 -5.85 12.56
N ALA D 114 -21.06 -5.44 11.97
CA ALA D 114 -22.33 -5.41 12.67
C ALA D 114 -23.43 -6.02 11.81
N HIS D 115 -23.87 -7.22 12.19
CA HIS D 115 -24.95 -7.92 11.49
C HIS D 115 -26.25 -7.89 12.26
N ARG D 116 -27.33 -8.44 11.70
CA ARG D 116 -28.64 -8.33 12.33
C ARG D 116 -29.25 -9.67 12.73
N GLU D 117 -30.58 -9.69 12.82
CA GLU D 117 -31.36 -10.91 12.75
C GLU D 117 -32.85 -10.57 12.81
N GLU E 44 -22.38 17.68 -13.69
CA GLU E 44 -21.79 18.62 -14.67
C GLU E 44 -21.46 17.86 -15.96
N THR E 45 -20.18 17.84 -16.36
CA THR E 45 -19.73 17.06 -17.52
C THR E 45 -18.60 16.09 -17.16
N HIS E 46 -17.69 16.53 -16.29
CA HIS E 46 -16.65 15.65 -15.75
C HIS E 46 -17.13 15.03 -14.48
N ILE E 47 -16.48 13.94 -14.07
CA ILE E 47 -16.90 13.22 -12.86
C ILE E 47 -15.66 12.78 -12.10
N ASN E 48 -15.77 12.60 -10.80
CA ASN E 48 -14.62 12.15 -10.02
C ASN E 48 -14.63 10.67 -9.65
N LEU E 49 -13.81 9.85 -10.32
CA LEU E 49 -13.76 8.41 -10.06
C LEU E 49 -12.56 7.98 -9.26
N LYS E 50 -12.78 7.06 -8.33
CA LYS E 50 -11.71 6.51 -7.55
C LYS E 50 -11.45 5.09 -8.08
N VAL E 51 -10.18 4.78 -8.35
CA VAL E 51 -9.80 3.49 -8.92
C VAL E 51 -8.72 2.86 -8.08
N SER E 52 -9.12 1.97 -7.17
CA SER E 52 -8.20 1.25 -6.30
C SER E 52 -8.04 -0.21 -6.68
N ASP E 53 -7.00 -0.84 -6.15
CA ASP E 53 -6.72 -2.25 -6.44
C ASP E 53 -6.46 -3.09 -5.19
N GLY E 54 -6.76 -2.51 -4.03
CA GLY E 54 -6.64 -3.25 -2.78
C GLY E 54 -5.44 -2.84 -1.97
N SER E 55 -4.64 -1.93 -2.52
CA SER E 55 -3.45 -1.46 -1.84
C SER E 55 -3.31 0.03 -2.01
N SER E 56 -3.13 0.44 -3.26
CA SER E 56 -3.08 1.85 -3.60
C SER E 56 -4.31 2.22 -4.44
N GLU E 57 -4.70 3.49 -4.36
CA GLU E 57 -5.85 3.99 -5.12
C GLU E 57 -5.54 5.31 -5.82
N ILE E 58 -6.21 5.52 -6.95
CA ILE E 58 -5.93 6.66 -7.78
C ILE E 58 -7.20 7.34 -8.18
N PHE E 59 -7.33 8.59 -7.76
CA PHE E 59 -8.45 9.44 -8.13
C PHE E 59 -8.28 9.91 -9.58
N PHE E 60 -9.40 10.21 -10.23
CA PHE E 60 -9.43 10.60 -11.63
C PHE E 60 -10.49 11.67 -11.87
N LYS E 61 -10.27 12.50 -12.88
CA LYS E 61 -11.33 13.35 -13.39
C LYS E 61 -11.55 12.89 -14.81
N ILE E 62 -12.81 12.73 -15.21
CA ILE E 62 -13.13 12.18 -16.54
C ILE E 62 -14.38 12.80 -17.14
N LYS E 63 -14.25 13.27 -18.38
CA LYS E 63 -15.39 13.73 -19.17
C LYS E 63 -16.23 12.46 -19.11
N LYS E 64 -17.55 12.64 -18.95
CA LYS E 64 -18.51 11.55 -19.00
C LYS E 64 -18.48 10.77 -20.31
N THR E 65 -17.96 11.41 -21.35
CA THR E 65 -17.91 10.80 -22.67
C THR E 65 -16.56 10.18 -23.07
N THR E 66 -15.57 10.21 -22.18
CA THR E 66 -14.31 9.51 -22.42
C THR E 66 -14.52 8.01 -22.28
N PRO E 67 -14.21 7.22 -23.33
CA PRO E 67 -14.33 5.78 -23.17
C PRO E 67 -13.27 5.25 -22.19
N LEU E 68 -13.71 4.37 -21.30
CA LEU E 68 -12.88 3.87 -20.21
C LEU E 68 -11.63 3.09 -20.63
N ARG E 69 -11.44 2.90 -21.94
CA ARG E 69 -10.21 2.35 -22.49
C ARG E 69 -9.06 3.12 -21.87
N ARG E 70 -9.07 4.43 -22.11
CA ARG E 70 -7.99 5.31 -21.71
C ARG E 70 -7.78 5.39 -20.19
N LEU E 71 -8.80 5.03 -19.41
CA LEU E 71 -8.67 5.03 -17.96
C LEU E 71 -8.01 3.75 -17.47
N MET E 72 -8.43 2.63 -18.03
CA MET E 72 -7.83 1.37 -17.69
C MET E 72 -6.36 1.45 -18.04
N GLU E 73 -6.10 1.75 -19.32
CA GLU E 73 -4.74 1.96 -19.81
C GLU E 73 -3.96 2.82 -18.86
N ALA E 74 -4.53 3.96 -18.47
CA ALA E 74 -3.92 4.84 -17.48
C ALA E 74 -3.56 4.24 -16.13
N PHE E 75 -4.54 3.64 -15.46
CA PHE E 75 -4.27 2.94 -14.24
C PHE E 75 -3.21 1.86 -14.43
N ALA E 76 -3.27 1.16 -15.55
CA ALA E 76 -2.35 0.05 -15.80
C ALA E 76 -0.92 0.53 -16.00
N LYS E 77 -0.69 1.22 -17.12
CA LYS E 77 0.61 1.83 -17.44
C LYS E 77 1.12 2.70 -16.29
N ARG E 78 0.20 3.16 -15.45
CA ARG E 78 0.58 3.91 -14.28
C ARG E 78 1.03 3.00 -13.16
N GLN E 79 0.39 1.85 -13.00
CA GLN E 79 0.74 0.95 -11.90
C GLN E 79 1.98 0.13 -12.19
N GLY E 80 2.25 -0.04 -13.47
CA GLY E 80 3.35 -0.89 -13.90
C GLY E 80 2.83 -2.30 -14.04
N LYS E 81 1.57 -2.43 -14.45
CA LYS E 81 0.90 -3.71 -14.59
C LYS E 81 0.39 -3.94 -16.00
N GLU E 82 0.23 -5.22 -16.36
CA GLU E 82 -0.17 -5.58 -17.71
C GLU E 82 -1.68 -5.69 -17.85
N MET E 83 -2.18 -5.14 -18.96
CA MET E 83 -3.61 -4.96 -19.20
C MET E 83 -4.43 -6.25 -19.09
N ASP E 84 -4.06 -7.25 -19.88
CA ASP E 84 -4.81 -8.50 -19.96
C ASP E 84 -4.81 -9.22 -18.61
N SER E 85 -3.81 -8.92 -17.79
CA SER E 85 -3.69 -9.49 -16.46
C SER E 85 -4.37 -8.48 -15.54
N LEU E 86 -5.61 -8.14 -15.83
CA LEU E 86 -6.46 -7.36 -14.93
C LEU E 86 -7.91 -7.46 -15.34
N ARG E 87 -8.80 -7.39 -14.35
CA ARG E 87 -10.20 -7.14 -14.64
C ARG E 87 -10.71 -6.04 -13.74
N PHE E 88 -11.59 -5.21 -14.29
CA PHE E 88 -12.07 -4.04 -13.60
C PHE E 88 -13.55 -4.15 -13.28
N LEU E 89 -13.92 -3.73 -12.07
CA LEU E 89 -15.30 -3.86 -11.64
C LEU E 89 -15.90 -2.56 -11.12
N TYR E 90 -16.88 -2.07 -11.85
CA TYR E 90 -17.72 -1.00 -11.34
C TYR E 90 -19.03 -1.61 -10.82
N ASP E 91 -19.21 -1.62 -9.51
CA ASP E 91 -20.42 -2.15 -8.88
C ASP E 91 -20.76 -3.55 -9.34
N GLY E 92 -19.74 -4.39 -9.43
CA GLY E 92 -19.95 -5.78 -9.80
C GLY E 92 -20.20 -6.00 -11.28
N ILE E 93 -19.92 -4.99 -12.09
CA ILE E 93 -19.98 -5.17 -13.54
C ILE E 93 -18.59 -5.27 -14.13
N ARG E 94 -18.34 -6.34 -14.87
CA ARG E 94 -17.12 -6.43 -15.61
C ARG E 94 -17.20 -5.37 -16.74
N ILE E 95 -16.55 -4.22 -16.52
CA ILE E 95 -16.58 -3.12 -17.48
C ILE E 95 -15.95 -3.50 -18.81
N GLN E 96 -16.58 -3.06 -19.89
CA GLN E 96 -15.98 -3.23 -21.21
C GLN E 96 -15.26 -1.94 -21.64
N ALA E 97 -14.15 -2.11 -22.36
CA ALA E 97 -13.19 -1.03 -22.68
C ALA E 97 -13.74 0.27 -23.24
N ASP E 98 -14.65 0.19 -24.20
CA ASP E 98 -15.12 1.42 -24.86
C ASP E 98 -16.51 1.84 -24.39
N GLN E 99 -16.75 1.69 -23.10
CA GLN E 99 -18.02 1.98 -22.51
C GLN E 99 -17.84 3.23 -21.65
N THR E 100 -18.49 4.33 -22.01
CA THR E 100 -18.30 5.62 -21.32
C THR E 100 -19.09 5.75 -20.01
N PRO E 101 -18.59 6.57 -19.06
CA PRO E 101 -19.13 6.69 -17.71
C PRO E 101 -20.62 6.97 -17.54
N GLU E 102 -21.27 7.60 -18.51
CA GLU E 102 -22.71 7.86 -18.37
C GLU E 102 -23.54 6.75 -19.01
N ASP E 103 -22.85 5.83 -19.70
CA ASP E 103 -23.44 4.58 -20.13
C ASP E 103 -23.70 3.73 -18.90
N LEU E 104 -22.82 3.87 -17.91
CA LEU E 104 -22.92 3.13 -16.67
C LEU E 104 -23.57 3.99 -15.60
N ASP E 105 -24.02 5.18 -15.97
CA ASP E 105 -24.63 6.12 -15.04
C ASP E 105 -23.80 6.26 -13.77
N MET E 106 -22.49 6.39 -13.94
CA MET E 106 -21.59 6.72 -12.85
C MET E 106 -21.87 8.11 -12.35
N GLU E 107 -21.35 8.38 -11.16
CA GLU E 107 -21.49 9.66 -10.48
C GLU E 107 -20.13 9.91 -9.90
N ASP E 108 -19.94 11.06 -9.25
CA ASP E 108 -18.62 11.33 -8.67
C ASP E 108 -18.44 10.54 -7.39
N ASN E 109 -17.17 10.27 -7.06
CA ASN E 109 -16.76 9.45 -5.92
C ASN E 109 -17.18 7.98 -5.98
N ASP E 110 -17.53 7.51 -7.18
CA ASP E 110 -17.76 6.09 -7.43
C ASP E 110 -16.42 5.36 -7.53
N ILE E 111 -16.46 4.04 -7.35
CA ILE E 111 -15.23 3.26 -7.28
C ILE E 111 -15.13 2.16 -8.35
N ILE E 112 -13.93 2.03 -8.88
CA ILE E 112 -13.62 0.91 -9.75
C ILE E 112 -12.56 0.07 -9.06
N GLU E 113 -12.74 -1.24 -9.06
CA GLU E 113 -11.75 -2.11 -8.45
C GLU E 113 -10.99 -2.82 -9.54
N ALA E 114 -9.68 -2.85 -9.41
CA ALA E 114 -8.87 -3.61 -10.33
C ALA E 114 -8.36 -4.88 -9.66
N HIS E 115 -8.97 -6.01 -9.98
CA HIS E 115 -8.48 -7.29 -9.48
C HIS E 115 -7.62 -7.95 -10.50
N ARG E 116 -6.89 -8.97 -10.06
CA ARG E 116 -6.07 -9.79 -10.96
C ARG E 116 -6.97 -10.74 -11.75
N GLU E 117 -6.93 -10.66 -13.08
CA GLU E 117 -7.67 -11.61 -13.90
C GLU E 117 -7.17 -13.01 -13.53
N GLN E 118 -8.06 -13.83 -12.99
CA GLN E 118 -7.69 -15.17 -12.51
C GLN E 118 -8.69 -16.20 -12.99
N ILE E 119 -8.40 -17.47 -12.72
CA ILE E 119 -9.31 -18.55 -13.02
C ILE E 119 -9.14 -19.71 -12.03
N GLY E 120 -10.13 -20.75 -12.00
CA GLY E 120 -10.10 -21.90 -11.11
C GLY E 120 -9.83 -23.19 -11.83
N GLY E 121 -9.51 -24.36 -11.33
CA GLY E 121 -9.49 -25.72 -11.80
C GLY E 121 -8.73 -26.58 -10.82
#